data_1ZK0
#
_entry.id   1ZK0
#
_cell.length_a   55.656
_cell.length_b   79.754
_cell.length_c   112.950
_cell.angle_alpha   90.00
_cell.angle_beta   90.00
_cell.angle_gamma   90.00
#
_symmetry.space_group_name_H-M   'I 2 2 2'
#
loop_
_entity.id
_entity.type
_entity.pdbx_description
1 polymer 'R-specific alcohol dehydrogenase'
2 non-polymer 'MAGNESIUM ION'
3 non-polymer (1R)-1-PHENYLETHANOL
4 non-polymer '1,4-DIHYDRONICOTINAMIDE ADENINE DINUCLEOTIDE'
5 water water
#
_entity_poly.entity_id   1
_entity_poly.type   'polypeptide(L)'
_entity_poly.pdbx_seq_one_letter_code
;SNRLDGKVAIITGGTLGIGLAIATKFVEEGAKVMITDRHSDVGEKAAKSVGTPDQIQFFQHDSSDEDGWTKLFDATEKAF
GPVSTLVNNAGIAVNKSVEETTTAEWRKLLAVNLDGVFFGTRLGIQRMKNKGLGASIINMSSIEGFVGDPSLGAYNASKG
AVRIMSKSAALDCALKDYDVRVNTVHPGYIKTPLVDDLPGAEEAMSQRTKTPMGHIGEPNDIAYICVYLASNESKFATGS
EFVVDGGYTAQ
;
_entity_poly.pdbx_strand_id   A
#
loop_
_chem_comp.id
_chem_comp.type
_chem_comp.name
_chem_comp.formula
MG non-polymer 'MAGNESIUM ION' 'Mg 2'
NAI non-polymer '1,4-DIHYDRONICOTINAMIDE ADENINE DINUCLEOTIDE' 'C21 H29 N7 O14 P2'
SS2 non-polymer (1R)-1-PHENYLETHANOL 'C8 H10 O'
#
# COMPACT_ATOMS: atom_id res chain seq x y z
N SER A 1 -17.25 12.05 4.88
CA SER A 1 -16.78 13.45 4.72
C SER A 1 -15.98 13.83 5.97
N ASN A 2 -14.91 14.58 5.71
CA ASN A 2 -14.05 15.14 6.73
C ASN A 2 -13.22 14.19 7.56
N ARG A 3 -13.21 12.89 7.19
CA ARG A 3 -12.55 11.94 8.09
C ARG A 3 -11.02 12.04 8.08
N LEU A 4 -10.46 12.69 7.06
CA LEU A 4 -9.02 12.92 6.90
C LEU A 4 -8.70 14.41 6.83
N ASP A 5 -9.47 15.20 7.55
CA ASP A 5 -9.26 16.65 7.53
C ASP A 5 -7.84 17.01 7.92
N GLY A 6 -7.21 17.83 7.08
CA GLY A 6 -5.85 18.29 7.31
C GLY A 6 -4.72 17.32 6.97
N LYS A 7 -5.06 16.09 6.67
CA LYS A 7 -4.04 15.10 6.36
C LYS A 7 -3.42 15.38 5.01
N VAL A 8 -2.14 15.03 4.88
CA VAL A 8 -1.38 15.12 3.62
C VAL A 8 -0.77 13.73 3.38
N ALA A 9 -1.19 13.09 2.29
CA ALA A 9 -0.82 11.73 1.99
C ALA A 9 -0.02 11.58 0.73
N ILE A 10 0.94 10.68 0.80
CA ILE A 10 1.66 10.11 -0.35
C ILE A 10 1.13 8.68 -0.57
N ILE A 11 0.75 8.37 -1.79
CA ILE A 11 0.31 7.02 -2.14
C ILE A 11 1.14 6.55 -3.35
N THR A 12 2.02 5.59 -3.14
CA THR A 12 2.84 5.10 -4.22
C THR A 12 2.02 4.13 -5.08
N GLY A 13 2.29 4.13 -6.39
CA GLY A 13 1.46 3.40 -7.31
C GLY A 13 -0.01 3.79 -7.25
N GLY A 14 -0.25 5.09 -7.18
CA GLY A 14 -1.57 5.65 -6.97
C GLY A 14 -2.37 6.00 -8.20
N THR A 15 -1.88 5.60 -9.37
CA THR A 15 -2.53 5.99 -10.64
C THR A 15 -3.53 4.99 -11.18
N LEU A 16 -3.55 3.79 -10.61
CA LEU A 16 -4.33 2.66 -11.06
C LEU A 16 -4.95 1.87 -9.92
N GLY A 17 -6.06 1.19 -10.21
CA GLY A 17 -6.53 0.14 -9.34
C GLY A 17 -6.69 0.56 -7.90
N ILE A 18 -6.20 -0.29 -7.01
CA ILE A 18 -6.29 -0.03 -5.58
C ILE A 18 -5.74 1.33 -5.18
N GLY A 19 -4.54 1.67 -5.64
CA GLY A 19 -3.93 2.94 -5.26
C GLY A 19 -4.76 4.15 -5.71
N LEU A 20 -5.36 4.07 -6.89
CA LEU A 20 -6.25 5.14 -7.39
C LEU A 20 -7.55 5.33 -6.55
N ALA A 21 -8.10 4.22 -6.08
CA ALA A 21 -9.29 4.23 -5.26
C ALA A 21 -8.94 4.79 -3.89
N ILE A 22 -7.79 4.40 -3.32
CA ILE A 22 -7.32 4.99 -2.05
C ILE A 22 -7.21 6.51 -2.24
N ALA A 23 -6.54 6.93 -3.34
CA ALA A 23 -6.42 8.38 -3.62
C ALA A 23 -7.76 9.09 -3.70
N THR A 24 -8.70 8.47 -4.41
CA THR A 24 -10.05 9.01 -4.60
C THR A 24 -10.78 9.24 -3.26
N LYS A 25 -10.81 8.21 -2.43
CA LYS A 25 -11.50 8.30 -1.15
C LYS A 25 -10.75 9.20 -0.20
N PHE A 26 -9.41 9.23 -0.29
CA PHE A 26 -8.63 10.13 0.56
C PHE A 26 -9.03 11.60 0.26
N VAL A 27 -9.09 11.92 -1.04
CA VAL A 27 -9.48 13.29 -1.44
C VAL A 27 -10.92 13.59 -0.97
N GLU A 28 -11.80 12.63 -1.13
CA GLU A 28 -13.20 12.80 -0.72
C GLU A 28 -13.30 13.14 0.76
N GLU A 29 -12.40 12.57 1.55
CA GLU A 29 -12.43 12.75 3.01
C GLU A 29 -11.57 13.92 3.53
N GLY A 30 -11.06 14.73 2.60
CA GLY A 30 -10.39 15.95 2.97
C GLY A 30 -8.86 15.95 2.94
N ALA A 31 -8.25 14.81 2.61
CA ALA A 31 -6.80 14.75 2.53
C ALA A 31 -6.31 15.39 1.24
N LYS A 32 -5.10 15.95 1.28
CA LYS A 32 -4.36 16.30 0.08
C LYS A 32 -3.52 15.08 -0.24
N VAL A 33 -3.34 14.81 -1.51
CA VAL A 33 -2.72 13.54 -1.96
C VAL A 33 -1.69 13.76 -3.09
N MET A 34 -0.51 13.15 -2.93
CA MET A 34 0.46 13.00 -4.01
C MET A 34 0.47 11.53 -4.39
N ILE A 35 0.08 11.23 -5.63
CA ILE A 35 0.21 9.88 -6.18
C ILE A 35 1.46 9.74 -7.01
N THR A 36 1.98 8.51 -7.04
CA THR A 36 3.16 8.20 -7.86
C THR A 36 2.97 7.03 -8.77
N ASP A 37 3.85 6.97 -9.78
CA ASP A 37 4.03 5.83 -10.64
C ASP A 37 5.39 5.99 -11.30
N ARG A 38 5.99 4.89 -11.72
CA ARG A 38 7.27 4.88 -12.39
C ARG A 38 7.17 5.62 -13.72
N HIS A 39 6.00 5.61 -14.34
CA HIS A 39 5.76 6.21 -15.66
C HIS A 39 5.01 7.53 -15.52
N SER A 40 5.22 8.48 -16.44
CA SER A 40 4.56 9.81 -16.31
C SER A 40 3.24 9.94 -17.07
N ASP A 41 3.10 9.15 -18.10
CA ASP A 41 2.00 9.34 -19.02
C ASP A 41 0.61 9.17 -18.42
N VAL A 42 0.47 8.32 -17.40
CA VAL A 42 -0.85 8.07 -16.80
C VAL A 42 -1.12 9.07 -15.67
N GLY A 43 -0.04 9.54 -15.04
CA GLY A 43 -0.12 10.21 -13.76
C GLY A 43 -0.97 11.43 -13.74
N GLU A 44 -0.71 12.38 -14.63
CA GLU A 44 -1.41 13.67 -14.55
C GLU A 44 -2.89 13.46 -14.84
N LYS A 45 -3.17 12.60 -15.81
CA LYS A 45 -4.53 12.26 -16.15
C LYS A 45 -5.27 11.59 -14.96
N ALA A 46 -4.59 10.62 -14.32
CA ALA A 46 -5.13 9.96 -13.13
C ALA A 46 -5.44 11.04 -12.06
N ALA A 47 -4.49 11.95 -11.80
CA ALA A 47 -4.72 12.97 -10.78
C ALA A 47 -5.93 13.84 -11.13
N LYS A 48 -5.99 14.28 -12.38
CA LYS A 48 -7.03 15.20 -12.80
C LYS A 48 -8.39 14.51 -12.76
N SER A 49 -8.40 13.19 -12.97
CA SER A 49 -9.62 12.39 -12.87
C SER A 49 -10.21 12.35 -11.45
N VAL A 50 -9.38 12.56 -10.44
CA VAL A 50 -9.81 12.58 -9.04
C VAL A 50 -10.17 13.96 -8.53
N GLY A 51 -9.37 14.95 -8.87
CA GLY A 51 -9.57 16.28 -8.34
C GLY A 51 -8.64 17.29 -8.94
N THR A 52 -8.64 18.48 -8.34
CA THR A 52 -7.86 19.58 -8.86
C THR A 52 -6.48 19.56 -8.21
N PRO A 53 -5.54 20.35 -8.72
CA PRO A 53 -4.18 20.39 -8.16
C PRO A 53 -4.08 20.76 -6.72
N ASP A 54 -5.04 21.52 -6.20
CA ASP A 54 -5.06 21.82 -4.79
C ASP A 54 -5.45 20.63 -3.90
N GLN A 55 -5.99 19.59 -4.51
CA GLN A 55 -6.42 18.34 -3.84
C GLN A 55 -5.43 17.20 -4.05
N ILE A 56 -4.97 17.05 -5.29
CA ILE A 56 -4.17 15.91 -5.68
C ILE A 56 -3.25 16.25 -6.82
N GLN A 57 -2.00 15.82 -6.68
CA GLN A 57 -1.00 15.94 -7.72
C GLN A 57 -0.28 14.60 -7.95
N PHE A 58 0.50 14.57 -9.03
CA PHE A 58 1.28 13.43 -9.43
C PHE A 58 2.77 13.76 -9.31
N PHE A 59 3.55 12.75 -8.89
CA PHE A 59 5.00 12.83 -8.87
C PHE A 59 5.55 11.50 -9.46
N GLN A 60 6.32 11.57 -10.55
CA GLN A 60 6.90 10.38 -11.16
C GLN A 60 8.01 9.87 -10.26
N HIS A 61 7.90 8.60 -9.88
CA HIS A 61 8.87 7.98 -8.99
C HIS A 61 8.69 6.48 -9.02
N ASP A 62 9.81 5.80 -9.16
CA ASP A 62 9.95 4.36 -8.99
C ASP A 62 10.27 4.10 -7.53
N SER A 63 9.40 3.38 -6.83
CA SER A 63 9.56 3.19 -5.37
C SER A 63 10.86 2.49 -4.98
N SER A 64 11.47 1.78 -5.93
CA SER A 64 12.79 1.22 -5.73
C SER A 64 13.96 2.22 -5.70
N ASP A 65 13.68 3.46 -6.13
CA ASP A 65 14.65 4.56 -6.22
C ASP A 65 14.78 5.31 -4.91
N GLU A 66 15.81 4.97 -4.17
N GLU A 66 15.79 4.94 -4.15
CA GLU A 66 16.06 5.49 -2.85
CA GLU A 66 16.07 5.52 -2.86
C GLU A 66 16.19 7.01 -2.80
C GLU A 66 16.18 7.04 -2.93
N ASP A 67 17.01 7.58 -3.67
N ASP A 67 16.97 7.54 -3.86
CA ASP A 67 17.18 9.01 -3.60
CA ASP A 67 17.19 8.98 -3.89
C ASP A 67 15.91 9.75 -4.06
C ASP A 67 15.89 9.73 -4.16
N GLY A 68 15.15 9.11 -4.94
N GLY A 68 15.05 9.17 -5.01
CA GLY A 68 13.91 9.72 -5.42
CA GLY A 68 13.80 9.82 -5.38
C GLY A 68 12.89 9.88 -4.31
C GLY A 68 12.85 9.97 -4.22
N TRP A 69 13.04 9.10 -3.24
N TRP A 69 12.94 9.09 -3.23
CA TRP A 69 12.09 9.20 -2.11
CA TRP A 69 12.03 9.18 -2.09
C TRP A 69 12.17 10.54 -1.41
C TRP A 69 12.12 10.51 -1.39
N THR A 70 13.36 11.13 -1.33
N THR A 70 13.34 11.00 -1.21
CA THR A 70 13.48 12.40 -0.64
CA THR A 70 13.55 12.32 -0.66
C THR A 70 12.90 13.50 -1.53
C THR A 70 12.90 13.42 -1.53
N LYS A 71 13.10 13.36 -2.83
N LYS A 71 13.10 13.34 -2.84
CA LYS A 71 12.52 14.31 -3.79
C LYS A 71 10.97 14.28 -3.70
N LEU A 72 10.45 13.09 -3.56
CA LEU A 72 9.00 12.90 -3.46
C LEU A 72 8.44 13.56 -2.20
N PHE A 73 9.06 13.32 -1.05
CA PHE A 73 8.60 13.96 0.20
C PHE A 73 8.75 15.51 0.09
N ASP A 74 9.85 15.97 -0.48
CA ASP A 74 10.02 17.42 -0.66
C ASP A 74 8.94 18.03 -1.54
N ALA A 75 8.60 17.37 -2.64
CA ALA A 75 7.59 17.89 -3.55
C ALA A 75 6.22 17.93 -2.93
N THR A 76 5.94 16.90 -2.12
N THR A 76 5.92 16.88 -2.17
CA THR A 76 4.66 16.85 -1.43
CA THR A 76 4.62 16.80 -1.51
C THR A 76 4.54 17.92 -0.38
C THR A 76 4.49 17.89 -0.49
N GLU A 77 5.61 18.14 0.39
N GLU A 77 5.54 18.12 0.29
CA GLU A 77 5.61 19.17 1.43
CA GLU A 77 5.53 19.15 1.34
C GLU A 77 5.50 20.56 0.79
C GLU A 77 5.42 20.54 0.71
N LYS A 78 6.16 20.75 -0.36
N LYS A 78 6.14 20.75 -0.39
CA LYS A 78 6.04 21.99 -1.13
C LYS A 78 4.61 22.26 -1.58
N ALA A 79 3.94 21.21 -2.02
CA ALA A 79 2.58 21.38 -2.56
C ALA A 79 1.55 21.61 -1.44
N PHE A 80 1.68 20.87 -0.33
CA PHE A 80 0.55 20.64 0.59
C PHE A 80 0.90 20.86 2.07
N GLY A 81 2.17 21.09 2.40
CA GLY A 81 2.62 21.11 3.75
C GLY A 81 3.08 19.73 4.21
N PRO A 82 3.54 19.66 5.46
CA PRO A 82 4.16 18.43 5.97
C PRO A 82 3.30 17.18 5.78
N VAL A 83 3.97 16.14 5.33
CA VAL A 83 3.32 14.85 5.08
C VAL A 83 2.95 14.18 6.40
N SER A 84 1.68 13.73 6.50
CA SER A 84 1.17 13.00 7.65
C SER A 84 0.97 11.51 7.42
N THR A 85 0.89 11.11 6.16
CA THR A 85 0.35 9.82 5.83
C THR A 85 1.03 9.23 4.61
N LEU A 86 1.50 7.99 4.72
CA LEU A 86 2.17 7.32 3.63
C LEU A 86 1.51 5.96 3.39
N VAL A 87 1.11 5.72 2.16
CA VAL A 87 0.58 4.43 1.78
C VAL A 87 1.59 3.84 0.81
N ASN A 88 2.33 2.82 1.27
CA ASN A 88 3.30 2.12 0.39
C ASN A 88 2.51 1.04 -0.37
N ASN A 89 2.02 1.41 -1.55
CA ASN A 89 1.15 0.58 -2.35
C ASN A 89 1.83 0.01 -3.62
N ALA A 90 2.88 0.67 -4.12
CA ALA A 90 3.54 0.20 -5.33
C ALA A 90 4.09 -1.19 -5.16
N GLY A 91 3.82 -2.05 -6.11
CA GLY A 91 4.33 -3.42 -6.08
C GLY A 91 4.21 -4.06 -7.44
N ILE A 92 4.99 -5.11 -7.62
CA ILE A 92 4.92 -5.95 -8.79
C ILE A 92 4.86 -7.42 -8.39
N ALA A 93 4.59 -8.25 -9.37
CA ALA A 93 4.52 -9.68 -9.18
C ALA A 93 5.33 -10.37 -10.24
N VAL A 94 5.91 -11.50 -9.85
CA VAL A 94 6.55 -12.43 -10.76
C VAL A 94 5.76 -13.73 -10.61
N ASN A 95 5.32 -14.32 -11.73
CA ASN A 95 4.55 -15.56 -11.71
C ASN A 95 5.49 -16.77 -11.90
N LYS A 96 6.20 -17.05 -10.81
CA LYS A 96 7.16 -18.14 -10.75
C LYS A 96 7.13 -18.76 -9.37
N SER A 97 7.25 -20.08 -9.29
CA SER A 97 7.63 -20.76 -8.05
C SER A 97 9.00 -20.32 -7.56
N VAL A 98 9.28 -20.55 -6.30
CA VAL A 98 10.63 -20.36 -5.79
C VAL A 98 11.63 -21.09 -6.68
N GLU A 99 11.30 -22.34 -7.02
CA GLU A 99 12.23 -23.18 -7.77
C GLU A 99 12.62 -22.55 -9.10
N GLU A 100 11.65 -21.93 -9.73
CA GLU A 100 11.81 -21.37 -11.09
C GLU A 100 12.09 -19.86 -11.15
N THR A 101 12.30 -19.21 -10.01
CA THR A 101 12.60 -17.79 -9.97
C THR A 101 14.05 -17.55 -10.39
N THR A 102 14.27 -16.69 -11.38
CA THR A 102 15.63 -16.33 -11.69
C THR A 102 16.12 -15.30 -10.68
N THR A 103 17.42 -15.17 -10.54
CA THR A 103 17.96 -14.21 -9.59
C THR A 103 17.61 -12.81 -10.02
N ALA A 104 17.58 -12.56 -11.32
CA ALA A 104 17.22 -11.21 -11.77
C ALA A 104 15.77 -10.90 -11.35
N GLU A 105 14.87 -11.86 -11.54
CA GLU A 105 13.47 -11.71 -11.11
C GLU A 105 13.37 -11.45 -9.61
N TRP A 106 14.08 -12.24 -8.82
CA TRP A 106 14.16 -12.08 -7.38
C TRP A 106 14.55 -10.67 -6.99
N ARG A 107 15.67 -10.21 -7.55
CA ARG A 107 16.22 -8.89 -7.20
C ARG A 107 15.27 -7.78 -7.65
N LYS A 108 14.64 -7.94 -8.80
CA LYS A 108 13.74 -6.88 -9.32
C LYS A 108 12.49 -6.75 -8.43
N LEU A 109 11.92 -7.90 -8.06
CA LEU A 109 10.72 -7.88 -7.24
C LEU A 109 11.03 -7.34 -5.85
N LEU A 110 12.14 -7.79 -5.25
CA LEU A 110 12.49 -7.32 -3.91
C LEU A 110 12.82 -5.81 -3.93
N ALA A 111 13.38 -5.31 -5.05
CA ALA A 111 13.70 -3.87 -5.12
C ALA A 111 12.45 -3.01 -4.94
N VAL A 112 11.36 -3.40 -5.60
CA VAL A 112 10.10 -2.64 -5.53
C VAL A 112 9.33 -2.97 -4.25
N ASN A 113 9.11 -4.27 -4.03
CA ASN A 113 8.16 -4.70 -2.99
C ASN A 113 8.71 -4.68 -1.60
N LEU A 114 10.05 -4.76 -1.45
CA LEU A 114 10.64 -4.82 -0.16
C LEU A 114 11.54 -3.61 0.08
N ASP A 115 12.59 -3.42 -0.73
CA ASP A 115 13.44 -2.26 -0.56
C ASP A 115 12.59 -0.97 -0.62
N GLY A 116 11.68 -0.88 -1.58
CA GLY A 116 10.90 0.34 -1.76
C GLY A 116 10.05 0.67 -0.53
N VAL A 117 9.47 -0.36 0.07
CA VAL A 117 8.65 -0.20 1.27
C VAL A 117 9.52 0.16 2.46
N PHE A 118 10.74 -0.44 2.55
CA PHE A 118 11.70 -0.07 3.56
C PHE A 118 12.11 1.43 3.39
N PHE A 119 12.44 1.81 2.17
CA PHE A 119 12.86 3.21 1.96
C PHE A 119 11.75 4.19 2.36
N GLY A 120 10.53 3.88 1.97
CA GLY A 120 9.41 4.75 2.29
C GLY A 120 9.09 4.78 3.78
N THR A 121 9.15 3.61 4.42
CA THR A 121 8.86 3.52 5.84
C THR A 121 9.92 4.24 6.65
N ARG A 122 11.18 4.01 6.34
CA ARG A 122 12.29 4.66 7.04
C ARG A 122 12.22 6.19 6.94
N LEU A 123 12.05 6.68 5.72
CA LEU A 123 11.96 8.10 5.48
C LEU A 123 10.71 8.68 6.08
N GLY A 124 9.59 7.99 5.96
CA GLY A 124 8.38 8.49 6.56
C GLY A 124 8.46 8.62 8.04
N ILE A 125 9.06 7.67 8.75
CA ILE A 125 9.23 7.82 10.18
C ILE A 125 10.04 9.07 10.45
N GLN A 126 11.16 9.22 9.75
CA GLN A 126 12.06 10.38 9.99
C GLN A 126 11.36 11.71 9.78
N ARG A 127 10.57 11.79 8.72
N ARG A 127 10.53 11.79 8.75
CA ARG A 127 9.94 13.05 8.31
CA ARG A 127 9.87 13.02 8.31
C ARG A 127 8.62 13.30 9.02
C ARG A 127 8.61 13.33 9.11
N MET A 128 8.01 12.26 9.58
N MET A 128 7.90 12.30 9.55
CA MET A 128 6.66 12.43 10.15
CA MET A 128 6.58 12.57 10.15
C MET A 128 6.61 12.45 11.65
C MET A 128 6.55 12.46 11.66
N LYS A 129 7.66 11.95 12.30
N LYS A 129 7.63 11.98 12.28
CA LYS A 129 7.66 11.84 13.75
C LYS A 129 7.69 13.23 14.44
N ASN A 130 7.11 13.26 15.64
CA ASN A 130 7.26 14.37 16.59
C ASN A 130 6.70 15.67 16.05
N LYS A 131 5.64 15.59 15.23
CA LYS A 131 5.06 16.81 14.63
C LYS A 131 3.59 16.99 14.97
N GLY A 132 3.04 16.10 15.80
CA GLY A 132 1.64 16.18 16.19
C GLY A 132 0.69 16.00 15.04
N LEU A 133 1.14 15.29 14.01
CA LEU A 133 0.35 15.10 12.79
C LEU A 133 -0.69 13.97 12.84
N GLY A 134 -0.59 13.09 13.81
CA GLY A 134 -1.34 11.86 13.79
C GLY A 134 -0.92 11.03 12.61
N ALA A 135 0.39 10.81 12.52
CA ALA A 135 0.99 10.22 11.33
C ALA A 135 0.71 8.71 11.25
N SER A 136 0.57 8.28 10.01
CA SER A 136 0.18 6.89 9.73
C SER A 136 0.84 6.39 8.47
N ILE A 137 1.55 5.25 8.61
CA ILE A 137 2.16 4.55 7.49
C ILE A 137 1.39 3.26 7.30
N ILE A 138 0.88 3.10 6.10
CA ILE A 138 0.03 1.97 5.73
C ILE A 138 0.80 1.22 4.67
N ASN A 139 1.33 0.05 5.04
N ASN A 139 1.23 0.00 4.99
CA ASN A 139 2.13 -0.74 4.14
CA ASN A 139 1.97 -0.83 4.04
C ASN A 139 1.25 -1.78 3.49
C ASN A 139 1.11 -1.95 3.48
N MET A 140 1.02 -1.61 2.19
N MET A 140 1.12 -2.10 2.16
CA MET A 140 0.18 -2.54 1.45
CA MET A 140 0.28 -3.10 1.51
C MET A 140 0.85 -3.89 1.39
C MET A 140 1.02 -4.44 1.48
N SER A 141 0.06 -4.93 1.67
N SER A 141 0.55 -5.39 2.31
CA SER A 141 0.52 -6.32 1.63
CA SER A 141 1.19 -6.67 2.55
C SER A 141 -0.52 -7.03 0.81
C SER A 141 0.42 -7.96 2.20
N SER A 142 -0.81 -8.28 1.17
N SER A 142 -0.71 -7.88 1.52
CA SER A 142 -1.84 -9.07 0.53
CA SER A 142 -1.35 -9.00 0.81
C SER A 142 -2.06 -10.36 1.30
C SER A 142 -1.83 -10.18 1.62
N ILE A 143 -3.06 -11.17 0.92
N ILE A 143 -2.75 -10.94 1.05
CA ILE A 143 -3.19 -12.51 1.51
CA ILE A 143 -3.07 -12.28 1.55
C ILE A 143 -1.86 -13.26 1.45
C ILE A 143 -1.84 -13.20 1.47
N GLU A 144 -1.01 -12.89 0.50
N GLU A 144 -0.97 -12.91 0.51
CA GLU A 144 0.28 -13.56 0.28
CA GLU A 144 0.29 -13.66 0.35
C GLU A 144 1.32 -13.19 1.33
C GLU A 144 1.28 -13.31 1.44
N GLY A 145 0.94 -12.37 2.31
N GLY A 145 0.95 -12.36 2.31
CA GLY A 145 1.74 -12.19 3.51
CA GLY A 145 1.73 -12.16 3.53
C GLY A 145 1.39 -13.15 4.62
N PHE A 146 0.30 -13.92 4.45
CA PHE A 146 -0.16 -14.91 5.43
C PHE A 146 -0.03 -16.35 4.95
N VAL A 147 -0.32 -16.58 3.67
CA VAL A 147 -0.32 -17.89 3.09
C VAL A 147 0.56 -17.90 1.86
N GLY A 148 1.07 -19.08 1.54
N GLY A 148 1.13 -19.06 1.59
CA GLY A 148 1.82 -19.28 0.32
CA GLY A 148 1.88 -19.27 0.38
C GLY A 148 0.96 -19.42 -0.92
C GLY A 148 1.00 -19.46 -0.84
N ASP A 149 1.57 -19.11 -2.06
N ASP A 149 1.56 -19.16 -1.99
CA ASP A 149 1.05 -19.44 -3.40
CA ASP A 149 1.04 -19.60 -3.28
C ASP A 149 2.24 -20.08 -4.08
C ASP A 149 2.23 -20.19 -4.01
N PRO A 150 2.08 -21.32 -4.53
N PRO A 150 2.04 -21.37 -4.58
CA PRO A 150 3.18 -22.03 -5.15
CA PRO A 150 3.16 -22.11 -5.14
C PRO A 150 3.78 -21.26 -6.32
C PRO A 150 3.80 -21.40 -6.33
N SER A 151 2.97 -20.41 -6.96
N SER A 151 3.10 -20.44 -6.95
CA SER A 151 3.42 -19.69 -8.16
CA SER A 151 3.67 -19.75 -8.12
C SER A 151 3.82 -18.24 -7.91
C SER A 151 3.85 -18.25 -7.90
N LEU A 152 4.03 -17.87 -6.63
CA LEU A 152 4.33 -16.49 -6.23
C LEU A 152 5.46 -16.45 -5.21
N GLY A 153 6.56 -17.17 -5.47
CA GLY A 153 7.59 -17.38 -4.45
C GLY A 153 8.23 -16.08 -3.94
N ALA A 154 8.77 -15.27 -4.86
CA ALA A 154 9.41 -14.05 -4.47
C ALA A 154 8.37 -13.07 -3.90
N TYR A 155 7.19 -13.04 -4.49
CA TYR A 155 6.11 -12.19 -4.00
C TYR A 155 5.76 -12.52 -2.54
N ASN A 156 5.61 -13.81 -2.24
CA ASN A 156 5.41 -14.26 -0.85
C ASN A 156 6.52 -13.77 0.08
N ALA A 157 7.79 -13.94 -0.35
CA ALA A 157 8.91 -13.43 0.44
C ALA A 157 8.71 -11.94 0.76
N SER A 158 8.39 -11.17 -0.25
CA SER A 158 8.30 -9.72 -0.08
C SER A 158 7.17 -9.37 0.90
N LYS A 159 6.05 -10.10 0.78
CA LYS A 159 4.86 -9.76 1.57
C LYS A 159 4.98 -10.21 3.03
N GLY A 160 5.64 -11.34 3.25
CA GLY A 160 5.98 -11.74 4.59
C GLY A 160 6.97 -10.76 5.24
N ALA A 161 7.93 -10.25 4.45
CA ALA A 161 8.91 -9.29 4.96
C ALA A 161 8.22 -8.01 5.43
N VAL A 162 7.37 -7.46 4.56
CA VAL A 162 6.72 -6.21 4.87
C VAL A 162 5.80 -6.39 6.11
N ARG A 163 5.17 -7.56 6.22
CA ARG A 163 4.28 -7.84 7.34
C ARG A 163 4.99 -7.67 8.69
N ILE A 164 6.16 -8.28 8.82
N ILE A 164 6.16 -8.28 8.83
CA ILE A 164 6.84 -8.28 10.09
CA ILE A 164 6.83 -8.29 10.12
C ILE A 164 7.76 -7.06 10.23
C ILE A 164 7.74 -7.07 10.31
N MET A 165 8.36 -6.58 9.14
N MET A 165 8.40 -6.59 9.24
CA MET A 165 9.09 -5.33 9.20
CA MET A 165 9.12 -5.34 9.33
C MET A 165 8.22 -4.19 9.75
C MET A 165 8.23 -4.22 9.88
N SER A 166 6.96 -4.18 9.33
N SER A 166 6.98 -4.18 9.39
CA SER A 166 6.04 -3.14 9.72
CA SER A 166 6.06 -3.13 9.75
C SER A 166 5.78 -3.19 11.24
C SER A 166 5.78 -3.19 11.25
N LYS A 167 5.75 -4.40 11.82
CA LYS A 167 5.60 -4.53 13.28
C LYS A 167 6.80 -3.95 14.03
N SER A 168 8.01 -4.22 13.55
CA SER A 168 9.20 -3.62 14.13
C SER A 168 9.10 -2.10 14.19
N ALA A 169 8.77 -1.50 13.03
CA ALA A 169 8.64 -0.06 12.91
C ALA A 169 7.54 0.49 13.84
N ALA A 170 6.39 -0.20 13.85
CA ALA A 170 5.27 0.15 14.74
C ALA A 170 5.76 0.24 16.17
N LEU A 171 6.47 -0.79 16.62
CA LEU A 171 6.89 -0.87 18.01
C LEU A 171 7.85 0.25 18.33
N ASP A 172 8.83 0.46 17.48
CA ASP A 172 9.82 1.50 17.76
C ASP A 172 9.17 2.90 17.83
N CYS A 173 8.27 3.17 16.90
CA CYS A 173 7.52 4.43 16.91
C CYS A 173 6.70 4.59 18.15
N ALA A 174 6.02 3.53 18.61
CA ALA A 174 5.18 3.56 19.78
C ALA A 174 6.03 3.79 21.03
N LEU A 175 7.13 3.04 21.16
N LEU A 175 7.08 3.00 21.21
CA LEU A 175 8.04 3.16 22.29
CA LEU A 175 7.87 3.05 22.44
C LEU A 175 8.77 4.51 22.36
C LEU A 175 8.50 4.44 22.64
N LYS A 176 9.03 5.12 21.20
N LYS A 176 8.79 5.09 21.52
CA LYS A 176 9.69 6.42 21.17
CA LYS A 176 9.50 6.37 21.50
C LYS A 176 8.68 7.61 21.20
C LYS A 176 8.58 7.57 21.35
N ASP A 177 7.38 7.33 21.33
N ASP A 177 7.30 7.31 21.37
CA ASP A 177 6.30 8.36 21.32
C ASP A 177 6.41 9.29 20.12
N TYR A 178 6.68 8.68 18.97
CA TYR A 178 6.89 9.42 17.74
C TYR A 178 5.62 9.98 17.11
N ASP A 179 4.44 9.53 17.55
CA ASP A 179 3.18 9.91 16.90
C ASP A 179 3.15 9.44 15.44
N VAL A 180 3.66 8.20 15.23
CA VAL A 180 3.62 7.53 13.94
C VAL A 180 3.15 6.12 14.18
N ARG A 181 2.07 5.73 13.51
CA ARG A 181 1.59 4.33 13.53
C ARG A 181 1.96 3.65 12.25
N VAL A 182 2.12 2.33 12.31
CA VAL A 182 2.48 1.53 11.15
C VAL A 182 1.64 0.25 11.17
N ASN A 183 0.91 0.00 10.10
CA ASN A 183 0.02 -1.14 9.99
C ASN A 183 0.07 -1.68 8.58
N THR A 184 -0.36 -2.92 8.42
CA THR A 184 -0.43 -3.49 7.09
C THR A 184 -1.86 -3.80 6.66
N VAL A 185 -2.11 -3.69 5.37
CA VAL A 185 -3.41 -4.00 4.78
C VAL A 185 -3.17 -5.18 3.85
N HIS A 186 -4.10 -6.14 3.88
N HIS A 186 -4.10 -6.14 3.89
CA HIS A 186 -3.92 -7.40 3.17
CA HIS A 186 -3.94 -7.39 3.17
C HIS A 186 -5.14 -7.71 2.26
C HIS A 186 -5.16 -7.71 2.30
N PRO A 187 -5.18 -7.10 1.09
N PRO A 187 -5.15 -7.21 1.07
CA PRO A 187 -6.24 -7.41 0.12
CA PRO A 187 -6.23 -7.51 0.13
C PRO A 187 -6.14 -8.88 -0.30
C PRO A 187 -6.21 -8.98 -0.24
N GLY A 188 -7.29 -9.52 -0.50
N GLY A 188 -7.39 -9.56 -0.41
CA GLY A 188 -7.36 -10.71 -1.31
CA GLY A 188 -7.55 -10.71 -1.27
C GLY A 188 -7.46 -10.27 -2.77
C GLY A 188 -7.63 -10.19 -2.70
N TYR A 189 -8.23 -10.98 -3.57
N TYR A 189 -8.15 -11.01 -3.58
CA TYR A 189 -8.34 -10.67 -4.99
CA TYR A 189 -8.18 -10.67 -5.00
C TYR A 189 -9.25 -9.49 -5.18
C TYR A 189 -9.20 -9.56 -5.26
N ILE A 190 -8.79 -8.57 -6.03
N ILE A 190 -8.76 -8.56 -6.03
CA ILE A 190 -9.50 -7.34 -6.33
C ILE A 190 -9.60 -7.16 -7.86
N LYS A 191 -10.81 -6.87 -8.34
CA LYS A 191 -11.02 -6.62 -9.77
C LYS A 191 -10.47 -5.27 -10.18
N THR A 192 -9.61 -5.29 -11.18
CA THR A 192 -9.11 -4.08 -11.80
C THR A 192 -9.05 -4.32 -13.30
N PRO A 193 -8.90 -3.25 -14.08
CA PRO A 193 -8.66 -3.42 -15.52
C PRO A 193 -7.52 -4.40 -15.84
N LEU A 194 -6.47 -4.45 -15.05
CA LEU A 194 -5.37 -5.40 -15.28
C LEU A 194 -5.81 -6.86 -15.13
N VAL A 195 -6.60 -7.13 -14.09
CA VAL A 195 -7.17 -8.49 -13.93
C VAL A 195 -8.08 -8.75 -15.09
N ASP A 196 -8.83 -7.74 -15.52
CA ASP A 196 -9.80 -7.94 -16.61
C ASP A 196 -9.10 -8.34 -17.90
N ASP A 197 -7.86 -7.93 -18.04
CA ASP A 197 -7.10 -8.20 -19.27
C ASP A 197 -6.48 -9.60 -19.24
N LEU A 198 -6.55 -10.31 -18.12
CA LEU A 198 -5.99 -11.65 -18.01
C LEU A 198 -7.12 -12.65 -18.16
N PRO A 199 -7.26 -13.27 -19.33
CA PRO A 199 -8.36 -14.18 -19.52
C PRO A 199 -8.39 -15.26 -18.47
N GLY A 200 -9.55 -15.44 -17.86
CA GLY A 200 -9.80 -16.52 -16.93
C GLY A 200 -9.45 -16.16 -15.50
N ALA A 201 -8.79 -15.01 -15.30
CA ALA A 201 -8.20 -14.74 -13.96
C ALA A 201 -9.26 -14.54 -12.89
N GLU A 202 -10.22 -13.66 -13.15
CA GLU A 202 -11.26 -13.37 -12.15
C GLU A 202 -12.08 -14.64 -11.82
N GLU A 203 -12.36 -15.43 -12.83
CA GLU A 203 -13.12 -16.65 -12.61
C GLU A 203 -12.37 -17.61 -11.74
N ALA A 204 -11.08 -17.77 -12.01
CA ALA A 204 -10.26 -18.64 -11.19
C ALA A 204 -10.19 -18.15 -9.72
N MET A 205 -10.07 -16.83 -9.56
CA MET A 205 -10.01 -16.20 -8.22
C MET A 205 -11.36 -16.32 -7.47
N SER A 206 -12.45 -16.44 -8.22
CA SER A 206 -13.77 -16.46 -7.68
C SER A 206 -14.30 -17.84 -7.32
N GLN A 207 -13.55 -18.89 -7.63
CA GLN A 207 -13.94 -20.25 -7.24
C GLN A 207 -14.01 -20.27 -5.70
N ARG A 208 -14.93 -21.03 -5.14
CA ARG A 208 -15.16 -21.00 -3.70
C ARG A 208 -13.95 -21.53 -2.91
N THR A 209 -13.18 -22.43 -3.54
CA THR A 209 -11.93 -22.94 -2.99
C THR A 209 -10.84 -21.89 -2.88
N LYS A 210 -11.05 -20.75 -3.52
CA LYS A 210 -10.14 -19.63 -3.43
C LYS A 210 -10.84 -18.53 -2.60
N THR A 211 -11.86 -17.89 -3.15
CA THR A 211 -12.55 -16.83 -2.42
C THR A 211 -13.96 -17.33 -2.04
N PRO A 212 -14.21 -17.62 -0.77
CA PRO A 212 -15.52 -18.13 -0.33
CA PRO A 212 -15.52 -18.13 -0.33
C PRO A 212 -16.72 -17.30 -0.73
C PRO A 212 -16.73 -17.32 -0.74
N MET A 213 -16.57 -15.99 -0.89
N MET A 213 -16.59 -16.02 -0.89
CA MET A 213 -17.70 -15.16 -1.34
CA MET A 213 -17.72 -15.20 -1.34
C MET A 213 -18.14 -15.50 -2.77
C MET A 213 -18.10 -15.43 -2.82
N GLY A 214 -17.30 -16.16 -3.56
N GLY A 214 -17.30 -16.19 -3.56
CA GLY A 214 -17.66 -16.55 -4.93
C GLY A 214 -17.51 -15.45 -5.96
N HIS A 215 -16.80 -14.39 -5.59
N HIS A 215 -16.81 -14.39 -5.57
CA HIS A 215 -16.52 -13.24 -6.44
CA HIS A 215 -16.53 -13.27 -6.45
C HIS A 215 -15.35 -12.47 -5.81
C HIS A 215 -15.34 -12.58 -5.80
N ILE A 216 -14.63 -11.73 -6.65
N ILE A 216 -14.79 -11.61 -6.49
CA ILE A 216 -13.50 -10.90 -6.16
CA ILE A 216 -13.64 -10.92 -5.90
C ILE A 216 -14.01 -9.51 -5.74
C ILE A 216 -14.05 -9.50 -5.53
N GLY A 217 -13.14 -8.76 -5.07
N GLY A 217 -13.06 -8.74 -5.07
CA GLY A 217 -13.52 -7.46 -4.54
CA GLY A 217 -13.35 -7.43 -4.53
C GLY A 217 -13.33 -6.35 -5.55
C GLY A 217 -13.29 -6.38 -5.59
N GLU A 218 -13.49 -5.11 -5.08
N GLU A 218 -13.30 -5.14 -5.13
CA GLU A 218 -13.30 -3.92 -5.91
CA GLU A 218 -13.16 -3.96 -5.97
C GLU A 218 -12.31 -2.96 -5.24
C GLU A 218 -12.26 -2.98 -5.26
N PRO A 219 -11.67 -2.06 -5.99
N PRO A 219 -11.65 -2.07 -6.00
CA PRO A 219 -10.68 -1.16 -5.41
C PRO A 219 -11.18 -0.39 -4.16
N ASN A 220 -12.42 0.02 -4.11
CA ASN A 220 -12.93 0.77 -2.95
C ASN A 220 -12.93 -0.08 -1.69
N ASP A 221 -12.98 -1.40 -1.83
CA ASP A 221 -12.89 -2.24 -0.64
C ASP A 221 -11.55 -1.99 0.13
N ILE A 222 -10.50 -1.73 -0.63
CA ILE A 222 -9.23 -1.46 0.00
C ILE A 222 -9.12 0.03 0.37
N ALA A 223 -9.71 0.89 -0.43
CA ALA A 223 -9.74 2.31 -0.09
C ALA A 223 -10.33 2.58 1.29
N TYR A 224 -11.45 1.94 1.60
CA TYR A 224 -12.13 2.26 2.86
C TYR A 224 -11.36 1.82 4.10
N ILE A 225 -10.67 0.67 4.07
CA ILE A 225 -9.88 0.29 5.23
C ILE A 225 -8.68 1.28 5.36
N CYS A 226 -8.13 1.72 4.23
CA CYS A 226 -7.07 2.71 4.29
C CYS A 226 -7.53 4.05 4.88
N VAL A 227 -8.75 4.49 4.55
CA VAL A 227 -9.24 5.72 5.16
C VAL A 227 -9.25 5.56 6.71
N TYR A 228 -9.79 4.45 7.19
CA TYR A 228 -9.84 4.20 8.61
C TYR A 228 -8.43 4.28 9.23
N LEU A 229 -7.47 3.60 8.57
CA LEU A 229 -6.10 3.57 9.07
C LEU A 229 -5.33 4.91 9.03
N ALA A 230 -5.65 5.72 8.02
N ALA A 230 -5.66 5.75 8.06
CA ALA A 230 -5.02 7.03 7.85
CA ALA A 230 -5.08 7.09 7.96
C ALA A 230 -5.61 8.06 8.81
C ALA A 230 -5.72 8.05 8.95
N SER A 231 -6.83 7.83 9.23
N SER A 231 -7.01 7.84 9.19
CA SER A 231 -7.55 8.75 10.12
CA SER A 231 -7.78 8.70 10.09
C SER A 231 -7.17 8.60 11.57
C SER A 231 -7.35 8.55 11.53
N ASN A 232 -7.52 9.61 12.36
N ASN A 232 -7.58 9.60 12.31
CA ASN A 232 -7.34 9.55 13.81
CA ASN A 232 -7.35 9.53 13.75
C ASN A 232 -8.30 8.60 14.51
C ASN A 232 -8.30 8.60 14.49
N GLU A 233 -9.30 8.09 13.77
N GLU A 233 -9.30 8.09 13.77
CA GLU A 233 -10.19 7.06 14.30
C GLU A 233 -9.43 5.80 14.74
N SER A 234 -8.27 5.57 14.13
CA SER A 234 -7.44 4.37 14.39
C SER A 234 -6.19 4.70 15.22
N LYS A 235 -6.22 5.79 16.01
CA LYS A 235 -5.10 6.23 16.80
C LYS A 235 -4.52 5.21 17.79
N PHE A 236 -5.26 4.16 18.12
CA PHE A 236 -4.76 3.09 19.02
C PHE A 236 -4.35 1.83 18.27
N ALA A 237 -4.50 1.86 16.95
CA ALA A 237 -4.12 0.70 16.11
C ALA A 237 -2.72 0.88 15.55
N THR A 238 -1.80 0.00 15.97
CA THR A 238 -0.48 -0.02 15.36
C THR A 238 0.09 -1.41 15.46
N GLY A 239 0.90 -1.77 14.48
CA GLY A 239 1.56 -3.07 14.48
C GLY A 239 0.65 -4.22 14.08
N SER A 240 -0.45 -3.91 13.39
CA SER A 240 -1.47 -4.92 13.11
C SER A 240 -1.73 -5.04 11.62
N GLU A 241 -2.33 -6.17 11.30
CA GLU A 241 -2.69 -6.59 9.96
C GLU A 241 -4.20 -6.50 9.77
N PHE A 242 -4.61 -5.81 8.70
CA PHE A 242 -6.02 -5.61 8.37
C PHE A 242 -6.32 -6.30 7.04
N VAL A 243 -7.12 -7.36 7.14
CA VAL A 243 -7.36 -8.31 6.04
C VAL A 243 -8.76 -8.07 5.43
N VAL A 244 -8.80 -7.88 4.09
CA VAL A 244 -10.04 -7.64 3.36
C VAL A 244 -9.99 -8.57 2.15
N ASP A 245 -10.46 -9.80 2.34
CA ASP A 245 -10.14 -10.89 1.42
C ASP A 245 -11.27 -11.82 0.99
N GLY A 246 -12.54 -11.47 1.30
CA GLY A 246 -13.66 -12.31 0.89
C GLY A 246 -13.70 -13.68 1.52
N GLY A 247 -12.92 -13.87 2.59
CA GLY A 247 -12.82 -15.14 3.29
C GLY A 247 -11.64 -16.00 2.87
N TYR A 248 -10.80 -15.55 1.95
CA TYR A 248 -9.74 -16.41 1.39
C TYR A 248 -8.91 -17.10 2.47
N THR A 249 -8.43 -16.31 3.45
CA THR A 249 -7.57 -16.85 4.50
C THR A 249 -8.29 -17.46 5.68
N ALA A 250 -9.62 -17.39 5.73
CA ALA A 250 -10.39 -17.98 6.82
C ALA A 250 -10.55 -19.48 6.69
N GLN A 251 -10.31 -20.06 5.52
CA GLN A 251 -10.35 -21.50 5.26
C GLN A 251 -8.94 -22.03 4.98
MG MG B . -6.19 -21.57 3.78
O1 SS2 C . -1.58 -9.61 -6.82
C1 SS2 C . -2.01 -10.99 -6.88
C2 SS2 C . -1.54 -11.59 -8.17
C3 SS2 C . -2.45 -12.10 -9.11
C4 SS2 C . -2.03 -12.65 -10.32
C5 SS2 C . -0.68 -12.68 -10.62
C6 SS2 C . 0.24 -12.16 -9.70
C7 SS2 C . -0.18 -11.62 -8.47
C8 SS2 C . -1.50 -11.76 -5.68
PA NAI D . -2.44 -2.56 -10.29
O1A NAI D . -2.03 -4.00 -10.62
O2A NAI D . -3.87 -2.24 -10.80
O5B NAI D . -1.36 -1.63 -10.85
C5B NAI D . -0.05 -1.71 -10.25
C4B NAI D . 0.18 -0.50 -9.32
O4B NAI D . 1.51 -0.37 -8.77
C3B NAI D . -0.07 0.74 -10.16
O3B NAI D . -0.97 1.52 -9.43
C2B NAI D . 1.27 1.42 -10.38
O2B NAI D . 0.92 2.86 -10.32
C1B NAI D . 2.20 0.77 -9.29
N9A NAI D . 3.64 0.35 -9.50
C8A NAI D . 4.19 -0.82 -9.96
N7A NAI D . 5.58 -0.76 -9.91
C5A NAI D . 5.94 0.46 -9.39
C6A NAI D . 7.16 1.22 -9.02
N6A NAI D . 8.42 0.65 -9.23
N1A NAI D . 7.05 2.47 -8.50
C2A NAI D . 5.87 3.09 -8.28
N3A NAI D . 4.69 2.45 -8.60
C4A NAI D . 4.66 1.18 -9.12
O3 NAI D . -2.20 -2.41 -8.78
PN NAI D . -3.06 -1.92 -7.61
O1N NAI D . -4.46 -2.36 -7.96
O2N NAI D . -2.75 -0.32 -7.42
O5D NAI D . -2.53 -2.84 -6.45
C5D NAI D . -2.07 -2.30 -5.18
C4D NAI D . -1.39 -3.21 -4.15
O4D NAI D . -2.19 -4.32 -3.70
C3D NAI D . -0.08 -3.82 -4.66
O3D NAI D . 0.95 -3.65 -3.68
C2D NAI D . -0.45 -5.30 -5.00
O2D NAI D . 0.74 -6.14 -4.99
C1D NAI D . -1.64 -5.61 -4.03
N1N NAI D . -2.67 -6.67 -4.44
C2N NAI D . -3.47 -6.67 -5.54
C3N NAI D . -4.39 -7.74 -5.79
C7N NAI D . -5.34 -7.87 -7.00
O7N NAI D . -6.03 -8.89 -7.07
N7N NAI D . -5.43 -6.93 -7.99
C4N NAI D . -4.43 -8.83 -4.87
C5N NAI D . -3.62 -8.82 -3.77
C6N NAI D . -2.76 -7.73 -3.59
#